data_7CIX
#
_entry.id   7CIX
#
_cell.length_a   44.199
_cell.length_b   51.585
_cell.length_c   81.434
_cell.angle_alpha   90.000
_cell.angle_beta   90.000
_cell.angle_gamma   90.000
#
_symmetry.space_group_name_H-M   'P 21 21 21'
#
loop_
_entity.id
_entity.type
_entity.pdbx_description
1 polymer 'Agmatine N-acetyltransferase'
2 non-polymer 'COENZYME A'
3 water water
#
_entity_poly.entity_id   1
_entity_poly.type   'polypeptide(L)'
_entity_poly.pdbx_seq_one_letter_code
;MAKPIADDIVVRQVDVGETEQLMTFLLAHYYPEEPLTAGTHPPEPEAADKEFLLSNVPFGTCFVALHEGRIVAAVVAGPK
DSHEPEHMAEEARKYAGGKWGSILHLLSAVETATDVCRRFSVPSCLHVHALGVDPQLRGRNLGGRLMETVAQRGRDLGHQ
LVSVDCTSVYAARLVQRLGYQLINTLRYVDHLDASGQQVIRPPPPHESVQTFVLHL
;
_entity_poly.pdbx_strand_id   A
#
# COMPACT_ATOMS: atom_id res chain seq x y z
N MET A 1 -10.89 17.97 8.69
CA MET A 1 -11.16 16.85 9.59
C MET A 1 -12.07 15.81 8.92
N ALA A 2 -13.02 16.25 8.12
CA ALA A 2 -14.03 15.35 7.56
C ALA A 2 -14.41 15.81 6.17
N LYS A 3 -14.40 14.89 5.22
CA LYS A 3 -14.68 15.19 3.82
C LYS A 3 -15.83 14.32 3.35
N PRO A 4 -17.04 14.87 3.23
CA PRO A 4 -18.15 14.07 2.67
C PRO A 4 -17.83 13.77 1.21
N ILE A 5 -17.80 12.48 0.87
CA ILE A 5 -17.55 12.06 -0.51
C ILE A 5 -18.74 11.34 -1.10
N ALA A 6 -19.84 11.26 -0.36
CA ALA A 6 -21.13 10.74 -0.79
C ALA A 6 -22.12 11.23 0.26
N ASP A 7 -23.38 10.85 0.13
CA ASP A 7 -24.35 11.30 1.12
C ASP A 7 -24.17 10.59 2.43
N ASP A 8 -23.55 9.43 2.39
CA ASP A 8 -23.43 8.66 3.61
C ASP A 8 -22.02 8.22 3.90
N ILE A 9 -21.04 8.57 3.06
CA ILE A 9 -19.63 8.21 3.28
C ILE A 9 -18.84 9.47 3.59
N VAL A 10 -18.04 9.42 4.65
CA VAL A 10 -17.19 10.52 5.07
C VAL A 10 -15.75 10.02 5.14
N VAL A 11 -14.83 10.78 4.57
CA VAL A 11 -13.41 10.48 4.69
C VAL A 11 -12.84 11.21 5.89
N ARG A 12 -12.16 10.47 6.78
CA ARG A 12 -11.60 11.03 8.00
C ARG A 12 -10.13 10.64 8.09
N GLN A 13 -9.36 11.44 8.82
CA GLN A 13 -7.99 11.05 9.13
C GLN A 13 -7.98 10.08 10.31
N VAL A 14 -7.12 9.06 10.25
CA VAL A 14 -6.94 8.16 11.38
C VAL A 14 -6.10 8.84 12.45
N ASP A 15 -6.57 8.79 13.70
CA ASP A 15 -5.85 9.32 14.86
C ASP A 15 -5.07 8.20 15.54
N VAL A 16 -3.94 8.55 16.17
CA VAL A 16 -3.13 7.54 16.85
C VAL A 16 -3.89 6.79 17.94
N GLY A 17 -5.06 7.27 18.34
CA GLY A 17 -5.81 6.57 19.36
C GLY A 17 -6.81 5.56 18.83
N GLU A 18 -7.12 5.61 17.54
CA GLU A 18 -8.20 4.82 16.94
C GLU A 18 -7.68 3.77 15.97
N THR A 19 -6.54 3.15 16.28
CA THR A 19 -5.96 2.21 15.32
C THR A 19 -6.55 0.81 15.40
N GLU A 20 -7.19 0.43 16.51
CA GLU A 20 -7.71 -0.93 16.59
C GLU A 20 -8.82 -1.17 15.58
N GLN A 21 -9.74 -0.21 15.43
CA GLN A 21 -10.80 -0.37 14.45
C GLN A 21 -10.23 -0.35 13.03
N LEU A 22 -9.19 0.44 12.78
CA LEU A 22 -8.53 0.39 11.48
C LEU A 22 -7.92 -0.98 11.23
N MET A 23 -7.24 -1.56 12.23
CA MET A 23 -6.65 -2.88 12.01
C MET A 23 -7.73 -3.94 11.88
N THR A 24 -8.82 -3.85 12.65
CA THR A 24 -9.94 -4.77 12.43
C THR A 24 -10.44 -4.71 10.99
N PHE A 25 -10.59 -3.51 10.43
CA PHE A 25 -11.02 -3.41 9.04
C PHE A 25 -10.00 -4.01 8.10
N LEU A 26 -8.71 -3.71 8.31
CA LEU A 26 -7.67 -4.23 7.41
C LEU A 26 -7.65 -5.75 7.44
N LEU A 27 -7.78 -6.35 8.62
CA LEU A 27 -7.74 -7.81 8.75
C LEU A 27 -8.94 -8.47 8.08
N ALA A 28 -10.04 -7.74 7.92
CA ALA A 28 -11.23 -8.29 7.29
C ALA A 28 -11.26 -8.09 5.77
N HIS A 29 -10.79 -6.94 5.29
CA HIS A 29 -11.08 -6.56 3.93
C HIS A 29 -9.88 -6.10 3.13
N TYR A 30 -8.71 -5.99 3.76
CA TYR A 30 -7.46 -5.74 3.03
C TYR A 30 -6.60 -6.99 2.95
N TYR A 31 -6.15 -7.50 4.08
CA TYR A 31 -5.18 -8.59 4.10
C TYR A 31 -5.65 -9.88 3.45
N PRO A 32 -6.89 -10.36 3.65
CA PRO A 32 -7.24 -11.66 3.02
C PRO A 32 -7.14 -11.66 1.50
N GLU A 33 -7.36 -10.52 0.84
CA GLU A 33 -7.36 -10.48 -0.61
C GLU A 33 -6.11 -9.85 -1.21
N GLU A 34 -5.32 -9.14 -0.42
CA GLU A 34 -4.13 -8.50 -0.96
C GLU A 34 -3.19 -9.58 -1.49
N PRO A 35 -2.71 -9.48 -2.75
CA PRO A 35 -2.03 -10.62 -3.37
C PRO A 35 -0.75 -11.08 -2.67
N LEU A 36 0.07 -10.18 -2.12
CA LEU A 36 1.27 -10.66 -1.44
C LEU A 36 0.90 -11.45 -0.19
N THR A 37 -0.12 -10.98 0.54
CA THR A 37 -0.56 -11.66 1.74
C THR A 37 -1.24 -12.98 1.39
N ALA A 38 -2.09 -12.96 0.37
CA ALA A 38 -2.80 -14.15 -0.06
C ALA A 38 -1.87 -15.14 -0.76
N GLY A 39 -0.76 -14.67 -1.31
CA GLY A 39 0.18 -15.52 -2.00
C GLY A 39 1.31 -16.08 -1.17
N THR A 40 1.26 -15.92 0.15
CA THR A 40 2.27 -16.47 1.04
C THR A 40 1.57 -17.19 2.16
N HIS A 41 2.26 -18.14 2.77
CA HIS A 41 1.65 -18.88 3.88
C HIS A 41 2.35 -18.56 5.20
N PRO A 42 1.65 -18.61 6.34
CA PRO A 42 0.22 -18.76 6.58
C PRO A 42 -0.59 -17.56 6.07
N PRO A 43 -1.92 -17.66 6.01
CA PRO A 43 -2.70 -16.57 5.40
C PRO A 43 -2.66 -15.29 6.22
N GLU A 44 -2.59 -15.37 7.53
CA GLU A 44 -2.76 -14.14 8.30
C GLU A 44 -1.43 -13.40 8.44
N PRO A 45 -1.45 -12.07 8.41
CA PRO A 45 -0.19 -11.32 8.49
C PRO A 45 0.48 -11.47 9.84
N GLU A 46 1.79 -11.40 9.81
CA GLU A 46 2.60 -11.44 11.02
C GLU A 46 2.42 -10.16 11.82
N ALA A 47 2.77 -10.24 13.11
CA ALA A 47 2.74 -9.07 13.97
C ALA A 47 3.54 -7.91 13.40
N ALA A 48 4.74 -8.19 12.86
CA ALA A 48 5.58 -7.08 12.37
C ALA A 48 4.97 -6.40 11.16
N ASP A 49 4.21 -7.16 10.35
CA ASP A 49 3.49 -6.61 9.20
C ASP A 49 2.42 -5.64 9.67
N LYS A 50 1.55 -6.10 10.56
CA LYS A 50 0.48 -5.23 11.08
C LYS A 50 1.06 -4.01 11.78
N GLU A 51 2.13 -4.22 12.57
CA GLU A 51 2.75 -3.12 13.30
C GLU A 51 3.39 -2.10 12.37
N PHE A 52 3.93 -2.56 11.23
CA PHE A 52 4.48 -1.59 10.30
C PHE A 52 3.39 -0.70 9.71
N LEU A 53 2.27 -1.28 9.29
CA LEU A 53 1.18 -0.44 8.77
C LEU A 53 0.76 0.59 9.80
N LEU A 54 0.56 0.16 11.04
CA LEU A 54 0.13 1.11 12.07
C LEU A 54 1.18 2.17 12.38
N SER A 55 2.46 1.87 12.13
CA SER A 55 3.50 2.85 12.39
C SER A 55 3.41 4.06 11.46
N ASN A 56 2.57 4.01 10.43
CA ASN A 56 2.37 5.17 9.56
C ASN A 56 1.33 6.13 10.11
N VAL A 57 0.51 5.70 11.07
CA VAL A 57 -0.55 6.58 11.58
C VAL A 57 -0.03 7.88 12.16
N PRO A 58 1.09 7.93 12.90
CA PRO A 58 1.55 9.22 13.45
C PRO A 58 1.86 10.28 12.41
N PHE A 59 2.07 9.89 11.15
CA PHE A 59 2.36 10.85 10.08
C PHE A 59 1.15 11.63 9.61
N GLY A 60 -0.06 11.25 10.06
CA GLY A 60 -1.26 11.93 9.59
C GLY A 60 -1.52 11.67 8.12
N THR A 61 -1.03 10.56 7.60
CA THR A 61 -1.13 10.22 6.19
C THR A 61 -1.99 8.99 5.97
N CYS A 62 -2.74 8.58 6.97
CA CYS A 62 -3.64 7.43 6.86
C CYS A 62 -5.07 7.93 6.98
N PHE A 63 -5.97 7.39 6.14
CA PHE A 63 -7.33 7.90 6.05
C PHE A 63 -8.31 6.74 5.97
N VAL A 64 -9.52 6.95 6.50
CA VAL A 64 -10.57 5.95 6.40
C VAL A 64 -11.80 6.59 5.80
N ALA A 65 -12.66 5.75 5.24
CA ALA A 65 -14.00 6.14 4.85
C ALA A 65 -14.98 5.52 5.83
N LEU A 66 -15.91 6.33 6.32
CA LEU A 66 -16.87 5.94 7.36
C LEU A 66 -18.27 5.91 6.78
N HIS A 67 -18.98 4.81 7.03
CA HIS A 67 -20.41 4.68 6.73
C HIS A 67 -21.10 4.19 7.98
N GLU A 68 -22.04 4.98 8.50
CA GLU A 68 -22.79 4.64 9.71
C GLU A 68 -21.84 4.29 10.86
N GLY A 69 -20.89 5.17 11.12
CA GLY A 69 -19.96 4.95 12.20
C GLY A 69 -19.01 3.79 12.02
N ARG A 70 -18.79 3.34 10.78
CA ARG A 70 -17.92 2.18 10.60
C ARG A 70 -16.99 2.37 9.42
N ILE A 71 -15.76 1.86 9.56
CA ILE A 71 -14.80 1.95 8.48
C ILE A 71 -15.21 1.01 7.35
N VAL A 72 -15.32 1.55 6.14
CA VAL A 72 -15.61 0.76 4.96
C VAL A 72 -14.51 0.85 3.92
N ALA A 73 -13.47 1.64 4.17
CA ALA A 73 -12.30 1.70 3.29
C ALA A 73 -11.18 2.35 4.07
N ALA A 74 -9.95 2.05 3.67
CA ALA A 74 -8.80 2.64 4.35
C ALA A 74 -7.60 2.71 3.42
N VAL A 75 -6.77 3.72 3.64
CA VAL A 75 -5.50 3.84 2.93
C VAL A 75 -4.43 4.15 3.96
N VAL A 76 -3.30 3.45 3.87
CA VAL A 76 -2.17 3.65 4.76
C VAL A 76 -1.01 4.12 3.90
N ALA A 77 -0.47 5.30 4.22
CA ALA A 77 0.65 5.86 3.48
C ALA A 77 1.66 6.44 4.46
N GLY A 78 2.90 6.58 3.99
CA GLY A 78 3.93 7.20 4.79
C GLY A 78 5.09 7.67 3.93
N PRO A 79 5.97 8.48 4.50
CA PRO A 79 7.05 9.08 3.71
C PRO A 79 8.20 8.11 3.50
N LYS A 80 8.92 8.31 2.40
CA LYS A 80 10.20 7.64 2.17
C LYS A 80 11.15 8.60 1.45
N ASP A 81 12.45 8.30 1.54
CA ASP A 81 13.46 9.07 0.83
C ASP A 81 14.41 8.09 0.15
N SER A 82 15.58 8.61 -0.27
CA SER A 82 16.50 7.78 -1.03
C SER A 82 17.22 6.73 -0.18
N HIS A 83 17.08 6.77 1.15
CA HIS A 83 17.57 5.69 1.98
C HIS A 83 16.67 4.46 1.94
N GLU A 84 15.47 4.56 1.38
CA GLU A 84 14.52 3.47 1.53
C GLU A 84 14.99 2.19 0.85
N PRO A 85 15.66 2.21 -0.30
CA PRO A 85 16.12 0.93 -0.87
C PRO A 85 17.08 0.20 0.06
N GLU A 86 18.03 0.90 0.67
CA GLU A 86 18.95 0.24 1.59
C GLU A 86 18.21 -0.25 2.83
N HIS A 87 17.26 0.54 3.34
CA HIS A 87 16.52 0.17 4.54
C HIS A 87 15.64 -1.06 4.30
N MET A 88 14.91 -1.08 3.19
CA MET A 88 14.06 -2.23 2.89
C MET A 88 14.88 -3.49 2.69
N ALA A 89 16.04 -3.35 2.04
CA ALA A 89 16.87 -4.52 1.80
C ALA A 89 17.35 -5.12 3.12
N GLU A 90 17.69 -4.27 4.09
CA GLU A 90 18.13 -4.81 5.38
C GLU A 90 16.95 -5.31 6.19
N GLU A 91 15.78 -4.68 6.05
CA GLU A 91 14.60 -5.22 6.71
C GLU A 91 14.21 -6.58 6.14
N ALA A 92 14.33 -6.75 4.81
CA ALA A 92 14.03 -8.04 4.20
C ALA A 92 14.93 -9.14 4.74
N ARG A 93 16.21 -8.80 4.95
CA ARG A 93 17.15 -9.75 5.52
C ARG A 93 16.74 -10.15 6.92
N LYS A 94 16.45 -9.14 7.73
CA LYS A 94 16.14 -9.36 9.14
C LYS A 94 15.01 -10.36 9.30
N TYR A 95 14.02 -10.33 8.40
CA TYR A 95 12.85 -11.17 8.54
C TYR A 95 12.88 -12.36 7.58
N ALA A 96 14.00 -12.61 6.90
CA ALA A 96 14.08 -13.74 5.99
C ALA A 96 13.76 -15.03 6.72
N GLY A 97 12.98 -15.89 6.09
CA GLY A 97 12.54 -17.13 6.68
C GLY A 97 11.07 -17.20 6.99
N GLY A 98 10.39 -16.07 7.07
CA GLY A 98 8.97 -16.10 7.37
C GLY A 98 8.11 -15.30 6.41
N LYS A 99 6.84 -15.13 6.74
CA LYS A 99 5.87 -14.55 5.81
C LYS A 99 6.20 -13.09 5.52
N TRP A 100 6.39 -12.29 6.58
CA TRP A 100 6.79 -10.89 6.40
C TRP A 100 8.11 -10.80 5.65
N GLY A 101 9.02 -11.74 5.90
CA GLY A 101 10.25 -11.76 5.13
C GLY A 101 10.02 -11.97 3.64
N SER A 102 9.08 -12.86 3.29
CA SER A 102 8.78 -13.09 1.88
C SER A 102 8.19 -11.84 1.24
N ILE A 103 7.19 -11.24 1.90
CA ILE A 103 6.58 -10.00 1.43
C ILE A 103 7.65 -8.94 1.23
N LEU A 104 8.53 -8.76 2.23
CA LEU A 104 9.58 -7.76 2.12
C LEU A 104 10.59 -8.10 1.03
N HIS A 105 10.88 -9.39 0.83
CA HIS A 105 11.76 -9.84 -0.25
C HIS A 105 11.32 -9.24 -1.58
N LEU A 106 10.03 -9.37 -1.88
CA LEU A 106 9.47 -8.82 -3.12
C LEU A 106 9.44 -7.30 -3.11
N LEU A 107 8.92 -6.71 -2.03
CA LEU A 107 8.77 -5.26 -2.01
C LEU A 107 10.12 -4.56 -2.05
N SER A 108 11.15 -5.18 -1.48
CA SER A 108 12.49 -4.58 -1.50
C SER A 108 13.08 -4.63 -2.91
N ALA A 109 12.88 -5.74 -3.62
CA ALA A 109 13.31 -5.82 -5.01
C ALA A 109 12.69 -4.70 -5.83
N VAL A 110 11.40 -4.44 -5.63
CA VAL A 110 10.71 -3.38 -6.37
C VAL A 110 11.22 -2.00 -5.94
N GLU A 111 11.43 -1.79 -4.64
CA GLU A 111 11.92 -0.49 -4.18
C GLU A 111 13.30 -0.21 -4.76
N THR A 112 14.17 -1.23 -4.79
CA THR A 112 15.50 -1.05 -5.35
C THR A 112 15.42 -0.75 -6.85
N ALA A 113 14.51 -1.42 -7.56
CA ALA A 113 14.38 -1.21 -8.99
C ALA A 113 13.85 0.17 -9.32
N THR A 114 12.87 0.66 -8.56
CA THR A 114 12.23 1.93 -8.87
C THR A 114 13.05 3.10 -8.35
N ASP A 115 13.48 3.04 -7.08
CA ASP A 115 14.41 4.03 -6.50
C ASP A 115 13.99 5.46 -6.85
N VAL A 116 12.73 5.81 -6.50
CA VAL A 116 12.04 6.90 -7.19
C VAL A 116 12.61 8.27 -6.82
N CYS A 117 13.18 8.44 -5.62
CA CYS A 117 13.77 9.73 -5.28
C CYS A 117 14.99 10.03 -6.16
N ARG A 118 15.81 9.01 -6.42
CA ARG A 118 16.93 9.17 -7.34
C ARG A 118 16.43 9.25 -8.78
N ARG A 119 15.45 8.41 -9.12
CA ARG A 119 14.92 8.35 -10.49
C ARG A 119 14.41 9.70 -10.95
N PHE A 120 13.65 10.38 -10.09
CA PHE A 120 12.99 11.62 -10.48
C PHE A 120 13.57 12.84 -9.78
N SER A 121 14.71 12.69 -9.11
CA SER A 121 15.42 13.82 -8.51
C SER A 121 14.51 14.62 -7.58
N VAL A 122 13.86 13.91 -6.66
CA VAL A 122 13.01 14.52 -5.64
C VAL A 122 13.56 14.11 -4.28
N PRO A 123 13.44 14.96 -3.26
CA PRO A 123 14.02 14.61 -1.95
C PRO A 123 13.23 13.56 -1.19
N SER A 124 11.98 13.31 -1.56
CA SER A 124 11.14 12.40 -0.79
C SER A 124 9.93 12.01 -1.61
N CYS A 125 9.21 11.00 -1.12
CA CYS A 125 8.02 10.49 -1.79
C CYS A 125 7.05 10.04 -0.72
N LEU A 126 5.76 10.27 -0.94
CA LEU A 126 4.71 9.71 -0.08
C LEU A 126 4.25 8.38 -0.68
N HIS A 127 4.59 7.28 0.00
CA HIS A 127 4.34 5.94 -0.52
C HIS A 127 3.08 5.36 0.11
N VAL A 128 2.20 4.83 -0.72
CA VAL A 128 0.97 4.19 -0.25
C VAL A 128 1.27 2.73 0.03
N HIS A 129 1.10 2.31 1.29
CA HIS A 129 1.46 0.96 1.72
C HIS A 129 0.30 -0.01 1.70
N ALA A 130 -0.93 0.48 1.81
CA ALA A 130 -2.10 -0.39 1.83
C ALA A 130 -3.31 0.42 1.39
N LEU A 131 -4.18 -0.25 0.65
CA LEU A 131 -5.42 0.34 0.20
C LEU A 131 -6.46 -0.78 0.21
N GLY A 132 -7.55 -0.59 0.96
CA GLY A 132 -8.59 -1.60 1.01
C GLY A 132 -9.97 -1.00 1.04
N VAL A 133 -10.92 -1.63 0.34
CA VAL A 133 -12.32 -1.20 0.34
C VAL A 133 -13.18 -2.41 0.72
N ASP A 134 -14.14 -2.20 1.63
CA ASP A 134 -15.16 -3.19 1.93
C ASP A 134 -15.76 -3.72 0.63
N PRO A 135 -15.85 -5.05 0.45
CA PRO A 135 -16.34 -5.59 -0.82
C PRO A 135 -17.74 -5.14 -1.18
N GLN A 136 -18.58 -4.82 -0.20
CA GLN A 136 -19.92 -4.33 -0.52
C GLN A 136 -19.92 -2.90 -1.04
N LEU A 137 -18.81 -2.18 -0.90
CA LEU A 137 -18.74 -0.79 -1.37
C LEU A 137 -17.73 -0.61 -2.49
N ARG A 138 -17.29 -1.71 -3.12
CA ARG A 138 -16.33 -1.60 -4.21
C ARG A 138 -17.02 -1.12 -5.48
N GLY A 139 -16.24 -0.47 -6.33
CA GLY A 139 -16.78 0.09 -7.55
C GLY A 139 -17.48 1.42 -7.38
N ARG A 140 -17.29 2.08 -6.24
CA ARG A 140 -17.98 3.33 -5.93
C ARG A 140 -17.01 4.50 -5.73
N ASN A 141 -15.80 4.40 -6.28
CA ASN A 141 -14.77 5.44 -6.22
C ASN A 141 -14.21 5.65 -4.82
N LEU A 142 -14.36 4.68 -3.90
CA LEU A 142 -13.81 4.88 -2.57
C LEU A 142 -12.30 4.77 -2.58
N GLY A 143 -11.76 3.79 -3.31
CA GLY A 143 -10.30 3.73 -3.47
C GLY A 143 -9.76 5.00 -4.09
N GLY A 144 -10.42 5.48 -5.15
CA GLY A 144 -9.99 6.71 -5.79
C GLY A 144 -10.01 7.90 -4.84
N ARG A 145 -11.11 8.08 -4.12
CA ARG A 145 -11.21 9.23 -3.21
C ARG A 145 -10.12 9.16 -2.15
N LEU A 146 -9.83 7.97 -1.63
CA LEU A 146 -8.79 7.89 -0.61
C LEU A 146 -7.43 8.22 -1.20
N MET A 147 -7.16 7.74 -2.42
CA MET A 147 -5.89 8.08 -3.05
C MET A 147 -5.78 9.57 -3.31
N GLU A 148 -6.88 10.22 -3.72
CA GLU A 148 -6.82 11.67 -3.93
C GLU A 148 -6.52 12.39 -2.61
N THR A 149 -7.07 11.87 -1.51
CA THR A 149 -6.85 12.48 -0.20
C THR A 149 -5.39 12.38 0.20
N VAL A 150 -4.76 11.23 -0.06
CA VAL A 150 -3.32 11.07 0.19
C VAL A 150 -2.51 12.03 -0.67
N ALA A 151 -2.89 12.19 -1.94
CA ALA A 151 -2.18 13.11 -2.82
C ALA A 151 -2.27 14.55 -2.30
N GLN A 152 -3.45 14.97 -1.83
CA GLN A 152 -3.59 16.31 -1.31
C GLN A 152 -2.79 16.48 -0.02
N ARG A 153 -2.82 15.46 0.85
CA ARG A 153 -1.98 15.49 2.04
C ARG A 153 -0.52 15.57 1.65
N GLY A 154 -0.11 14.84 0.61
CA GLY A 154 1.24 14.92 0.12
C GLY A 154 1.61 16.32 -0.35
N ARG A 155 0.68 16.98 -1.05
CA ARG A 155 0.91 18.34 -1.50
C ARG A 155 1.13 19.29 -0.32
N ASP A 156 0.25 19.24 0.69
CA ASP A 156 0.41 20.10 1.86
C ASP A 156 1.76 19.88 2.53
N LEU A 157 2.18 18.63 2.60
CA LEU A 157 3.44 18.25 3.23
C LEU A 157 4.64 18.59 2.37
N GLY A 158 4.45 19.11 1.17
CA GLY A 158 5.55 19.49 0.32
C GLY A 158 6.13 18.37 -0.53
N HIS A 159 5.55 17.16 -0.50
CA HIS A 159 6.05 16.09 -1.34
C HIS A 159 5.80 16.41 -2.81
N GLN A 160 6.72 16.00 -3.68
CA GLN A 160 6.59 16.19 -5.11
C GLN A 160 6.15 14.93 -5.83
N LEU A 161 5.92 13.83 -5.09
CA LEU A 161 5.66 12.56 -5.73
C LEU A 161 4.90 11.66 -4.76
N VAL A 162 3.97 10.87 -5.30
CA VAL A 162 3.33 9.76 -4.60
C VAL A 162 3.70 8.49 -5.35
N SER A 163 3.99 7.42 -4.61
CA SER A 163 4.25 6.12 -5.23
C SER A 163 3.35 5.05 -4.64
N VAL A 164 3.11 3.98 -5.40
CA VAL A 164 2.29 2.88 -4.88
C VAL A 164 2.63 1.60 -5.65
N ASP A 165 2.77 0.50 -4.91
CA ASP A 165 3.01 -0.81 -5.51
C ASP A 165 1.67 -1.52 -5.67
N CYS A 166 1.11 -1.49 -6.89
CA CYS A 166 -0.15 -2.16 -7.14
C CYS A 166 0.09 -3.66 -7.31
N THR A 167 0.05 -4.37 -6.18
CA THR A 167 0.15 -5.82 -6.18
C THR A 167 -1.10 -6.46 -6.77
N SER A 168 -2.20 -5.73 -6.78
CA SER A 168 -3.50 -6.17 -7.27
C SER A 168 -3.79 -5.52 -8.61
N VAL A 169 -4.33 -6.30 -9.55
CA VAL A 169 -4.72 -5.72 -10.84
C VAL A 169 -5.81 -4.67 -10.67
N TYR A 170 -6.69 -4.82 -9.68
CA TYR A 170 -7.75 -3.84 -9.47
C TYR A 170 -7.20 -2.50 -9.01
N ALA A 171 -6.13 -2.51 -8.22
CA ALA A 171 -5.50 -1.27 -7.81
C ALA A 171 -4.77 -0.62 -8.98
N ALA A 172 -4.11 -1.43 -9.82
CA ALA A 172 -3.47 -0.90 -11.02
C ALA A 172 -4.48 -0.18 -11.91
N ARG A 173 -5.65 -0.79 -12.12
CA ARG A 173 -6.67 -0.15 -12.95
C ARG A 173 -7.17 1.14 -12.32
N LEU A 174 -7.25 1.18 -10.98
CA LEU A 174 -7.71 2.38 -10.31
C LEU A 174 -6.73 3.53 -10.52
N VAL A 175 -5.45 3.30 -10.25
CA VAL A 175 -4.51 4.41 -10.34
C VAL A 175 -4.25 4.80 -11.80
N GLN A 176 -4.44 3.86 -12.75
CA GLN A 176 -4.36 4.25 -14.16
C GLN A 176 -5.40 5.32 -14.48
N ARG A 177 -6.62 5.16 -13.98
CA ARG A 177 -7.63 6.17 -14.29
C ARG A 177 -7.48 7.43 -13.47
N LEU A 178 -6.74 7.38 -12.36
CA LEU A 178 -6.31 8.59 -11.66
C LEU A 178 -5.14 9.27 -12.33
N GLY A 179 -4.62 8.71 -13.42
CA GLY A 179 -3.55 9.35 -14.16
C GLY A 179 -2.16 9.08 -13.65
N TYR A 180 -1.97 8.02 -12.87
CA TYR A 180 -0.63 7.68 -12.42
C TYR A 180 0.21 7.15 -13.58
N GLN A 181 1.53 7.16 -13.38
CA GLN A 181 2.50 6.73 -14.40
C GLN A 181 3.08 5.38 -13.98
N LEU A 182 2.94 4.37 -14.84
CA LEU A 182 3.57 3.07 -14.60
C LEU A 182 5.08 3.19 -14.78
N ILE A 183 5.85 2.71 -13.78
CA ILE A 183 7.30 2.79 -13.86
C ILE A 183 8.00 1.43 -13.66
N ASN A 184 7.25 0.38 -13.29
CA ASN A 184 7.88 -0.91 -13.08
C ASN A 184 6.84 -2.02 -13.04
N THR A 185 7.18 -3.16 -13.64
CA THR A 185 6.36 -4.36 -13.61
C THR A 185 7.24 -5.55 -13.25
N LEU A 186 6.83 -6.31 -12.23
CA LEU A 186 7.54 -7.52 -11.82
C LEU A 186 6.52 -8.64 -11.77
N ARG A 187 6.64 -9.62 -12.67
CA ARG A 187 5.72 -10.75 -12.64
C ARG A 187 6.08 -11.69 -11.48
N TYR A 188 5.05 -12.16 -10.78
CA TYR A 188 5.30 -13.01 -9.62
C TYR A 188 6.03 -14.29 -10.01
N VAL A 189 5.79 -14.81 -11.23
CA VAL A 189 6.52 -16.01 -11.62
C VAL A 189 7.99 -15.70 -11.89
N ASP A 190 8.34 -14.43 -12.06
CA ASP A 190 9.73 -14.07 -12.32
C ASP A 190 10.50 -13.79 -11.05
N HIS A 191 9.86 -13.78 -9.88
CA HIS A 191 10.54 -13.38 -8.66
C HIS A 191 10.80 -14.60 -7.76
N LEU A 192 12.05 -15.05 -7.73
CA LEU A 192 12.48 -16.23 -7.01
C LEU A 192 13.28 -15.85 -5.77
N ASP A 193 13.31 -16.76 -4.80
CA ASP A 193 14.25 -16.61 -3.71
C ASP A 193 15.59 -17.25 -4.10
N ALA A 194 16.54 -17.27 -3.17
CA ALA A 194 17.88 -17.73 -3.50
C ALA A 194 17.90 -19.21 -3.88
N SER A 195 16.99 -20.01 -3.35
CA SER A 195 16.87 -21.41 -3.68
C SER A 195 16.13 -21.65 -4.99
N GLY A 196 15.71 -20.60 -5.68
CA GLY A 196 15.06 -20.78 -6.97
C GLY A 196 13.57 -21.02 -6.92
N GLN A 197 12.92 -20.75 -5.79
CA GLN A 197 11.49 -20.99 -5.60
C GLN A 197 10.70 -19.69 -5.70
N GLN A 198 9.54 -19.76 -6.34
CA GLN A 198 8.67 -18.60 -6.50
C GLN A 198 8.23 -18.09 -5.14
N VAL A 199 8.51 -16.82 -4.86
CA VAL A 199 8.26 -16.28 -3.52
C VAL A 199 6.77 -16.08 -3.27
N ILE A 200 6.09 -15.43 -4.21
CA ILE A 200 4.69 -15.04 -4.07
C ILE A 200 3.86 -15.84 -5.07
N ARG A 201 2.84 -16.54 -4.59
CA ARG A 201 1.95 -17.33 -5.45
C ARG A 201 0.49 -16.92 -5.22
N PRO A 202 0.08 -15.77 -5.77
CA PRO A 202 -1.27 -15.28 -5.50
C PRO A 202 -2.27 -15.84 -6.50
N PRO A 203 -3.56 -15.71 -6.22
CA PRO A 203 -4.56 -16.21 -7.17
C PRO A 203 -4.63 -15.36 -8.41
N PRO A 204 -4.92 -15.96 -9.57
CA PRO A 204 -5.28 -15.16 -10.74
C PRO A 204 -6.46 -14.28 -10.40
N PRO A 205 -6.59 -13.11 -11.07
CA PRO A 205 -5.81 -12.60 -12.20
C PRO A 205 -4.57 -11.76 -11.83
N HIS A 206 -4.09 -11.84 -10.59
CA HIS A 206 -2.95 -11.03 -10.18
C HIS A 206 -1.67 -11.68 -10.68
N GLU A 207 -1.08 -11.12 -11.72
CA GLU A 207 0.11 -11.70 -12.31
C GLU A 207 1.38 -10.92 -12.01
N SER A 208 1.27 -9.68 -11.56
CA SER A 208 2.45 -8.84 -11.41
C SER A 208 2.19 -7.80 -10.35
N VAL A 209 3.28 -7.23 -9.83
CA VAL A 209 3.22 -6.01 -9.04
C VAL A 209 3.65 -4.87 -9.96
N GLN A 210 2.76 -3.90 -10.13
CA GLN A 210 3.00 -2.77 -11.00
C GLN A 210 3.10 -1.53 -10.14
N THR A 211 4.24 -0.85 -10.19
CA THR A 211 4.47 0.33 -9.36
C THR A 211 4.18 1.56 -10.19
N PHE A 212 3.42 2.47 -9.61
CA PHE A 212 3.01 3.70 -10.27
C PHE A 212 3.50 4.89 -9.45
N VAL A 213 3.66 6.04 -10.11
CA VAL A 213 3.92 7.28 -9.40
C VAL A 213 2.97 8.34 -9.93
N LEU A 214 2.74 9.35 -9.10
CA LEU A 214 2.01 10.54 -9.51
C LEU A 214 2.83 11.74 -9.11
N HIS A 215 3.09 12.63 -10.07
CA HIS A 215 3.82 13.86 -9.77
C HIS A 215 2.87 14.89 -9.20
N LEU A 216 3.23 15.45 -8.05
CA LEU A 216 2.35 16.36 -7.34
C LEU A 216 2.61 17.81 -7.72
#